data_8G9Q
#
_entry.id   8G9Q
#
_cell.length_a   67.159
_cell.length_b   100.689
_cell.length_c   47.776
_cell.angle_alpha   90.000
_cell.angle_beta   90.000
_cell.angle_gamma   90.000
#
_symmetry.space_group_name_H-M   'P 21 21 2'
#
loop_
_entity.id
_entity.type
_entity.pdbx_description
1 polymer 'GTPase KRas'
2 polymer 'Peptidyl-prolyl cis-trans isomerase A'
3 non-polymer 'PHOSPHOAMINOPHOSPHONIC ACID-GUANYLATE ESTER'
4 non-polymer 'MAGNESIUM ION'
5 non-polymer 'methyl (3S)-1-[N-(4-sulfanylbutanoyl)-L-valyl-3-hydroxy-L-phenylalanyl]-1,2-diazinane-3-carboxylate'
6 water water
#
loop_
_entity_poly.entity_id
_entity_poly.type
_entity_poly.pdbx_seq_one_letter_code
_entity_poly.pdbx_strand_id
1 'polypeptide(L)'
;SMTEYKLVVVGACGVGKSALTIQLIQNHFVDEYDPTIEDSYRKQVVIDGETSLLDILDTAGQEEYSAMRDQYMRTGEGFL
LVFAINNTKSFEDIHHYREQIKRVKDSEDVPMVLVGNKSDLPSRTVDTKQAQDLARSYGIPFIETSAKTRQGVDDAFYTL
VREIRKHKEK
;
A
2 'polypeptide(L)'
;SMVNPTVFFDIAVDGEPLGRVSFELFADKVPKTAENFRALSTGEKGFGYKGSSFHRIIPGFMCQGGDFTRHNGTGGKSIY
GEKFEDENFILKHTGPGILSMANAGPNTNGSQFFICTAKTEWLDGKHVVFGKVKEGMNIVEAMERFGSRNGKTSKKITIA
DCGQLE
;
D
#
# COMPACT_ATOMS: atom_id res chain seq x y z
N SER A 1 -31.66 14.30 -6.79
CA SER A 1 -31.17 12.97 -6.41
C SER A 1 -30.84 12.13 -7.66
N MET A 2 -29.66 11.54 -7.67
CA MET A 2 -29.19 10.73 -8.78
C MET A 2 -28.63 9.43 -8.24
N THR A 3 -28.51 8.43 -9.11
CA THR A 3 -28.00 7.14 -8.67
C THR A 3 -26.53 7.26 -8.32
N GLU A 4 -26.13 6.45 -7.34
CA GLU A 4 -24.76 6.48 -6.82
C GLU A 4 -24.22 5.05 -6.78
N TYR A 5 -22.98 4.87 -7.20
CA TYR A 5 -22.35 3.55 -7.31
C TYR A 5 -21.03 3.52 -6.55
N LYS A 6 -20.84 2.46 -5.78
CA LYS A 6 -19.59 2.23 -5.06
C LYS A 6 -18.72 1.30 -5.91
N LEU A 7 -17.70 1.85 -6.53
CA LEU A 7 -16.79 1.09 -7.37
C LEU A 7 -15.49 0.87 -6.63
N VAL A 8 -14.85 -0.28 -6.87
CA VAL A 8 -13.62 -0.65 -6.19
C VAL A 8 -12.61 -1.10 -7.25
N VAL A 9 -11.40 -0.54 -7.19
CA VAL A 9 -10.34 -0.85 -8.15
C VAL A 9 -9.33 -1.74 -7.45
N VAL A 10 -9.18 -2.98 -7.93
CA VAL A 10 -8.30 -3.96 -7.31
C VAL A 10 -7.30 -4.46 -8.34
N GLY A 11 -6.22 -5.03 -7.85
CA GLY A 11 -5.15 -5.52 -8.69
C GLY A 11 -3.81 -5.42 -7.98
N ALA A 12 -2.84 -6.13 -8.55
CA ALA A 12 -1.51 -6.26 -7.96
C ALA A 12 -0.75 -4.92 -7.93
N CYS A 13 0.38 -4.94 -7.22
CA CYS A 13 1.21 -3.76 -7.08
C CYS A 13 1.60 -3.20 -8.43
N GLY A 14 1.38 -1.90 -8.60
CA GLY A 14 1.98 -1.20 -9.73
C GLY A 14 1.30 -1.40 -11.06
N VAL A 15 0.13 -2.02 -11.11
CA VAL A 15 -0.54 -2.24 -12.39
C VAL A 15 -1.17 -0.99 -12.95
N GLY A 16 -1.33 0.05 -12.14
CA GLY A 16 -1.93 1.28 -12.57
C GLY A 16 -3.30 1.60 -12.01
N LYS A 17 -3.68 1.01 -10.87
CA LYS A 17 -4.98 1.30 -10.27
C LYS A 17 -5.15 2.79 -10.01
N SER A 18 -4.15 3.42 -9.39
CA SER A 18 -4.24 4.84 -9.08
C SER A 18 -4.16 5.68 -10.35
N ALA A 19 -3.27 5.32 -11.27
CA ALA A 19 -3.13 6.11 -12.50
C ALA A 19 -4.43 6.08 -13.31
N LEU A 20 -5.12 4.94 -13.37
CA LEU A 20 -6.41 4.88 -14.03
C LEU A 20 -7.42 5.78 -13.32
N THR A 21 -7.44 5.73 -11.99
CA THR A 21 -8.41 6.49 -11.21
C THR A 21 -8.15 7.99 -11.35
N ILE A 22 -6.90 8.40 -11.22
N ILE A 22 -6.90 8.40 -11.22
CA ILE A 22 -6.57 9.82 -11.31
CA ILE A 22 -6.57 9.82 -11.32
C ILE A 22 -6.82 10.36 -12.72
C ILE A 22 -6.86 10.35 -12.72
N GLN A 23 -6.64 9.52 -13.74
CA GLN A 23 -7.00 9.94 -15.09
C GLN A 23 -8.49 10.16 -15.22
N LEU A 24 -9.31 9.29 -14.63
CA LEU A 24 -10.74 9.48 -14.66
C LEU A 24 -11.13 10.76 -13.92
N ILE A 25 -10.56 10.96 -12.74
CA ILE A 25 -10.99 12.03 -11.85
C ILE A 25 -10.38 13.36 -12.26
N GLN A 26 -9.08 13.39 -12.51
CA GLN A 26 -8.34 14.64 -12.71
C GLN A 26 -7.83 14.84 -14.13
N ASN A 27 -7.98 13.86 -15.02
CA ASN A 27 -7.57 13.99 -16.42
C ASN A 27 -6.07 14.29 -16.57
N HIS A 28 -5.25 13.65 -15.74
N HIS A 28 -5.27 13.59 -15.79
CA HIS A 28 -3.82 13.77 -15.92
CA HIS A 28 -3.82 13.79 -15.74
C HIS A 28 -3.14 12.48 -15.50
C HIS A 28 -3.14 12.46 -15.47
N PHE A 29 -1.91 12.32 -15.96
CA PHE A 29 -1.10 11.13 -15.72
C PHE A 29 0.23 11.56 -15.11
N VAL A 30 0.64 10.87 -14.04
CA VAL A 30 1.93 11.11 -13.39
C VAL A 30 2.76 9.84 -13.53
N ASP A 31 4.00 9.99 -14.00
CA ASP A 31 4.93 8.87 -14.06
C ASP A 31 5.35 8.42 -12.67
N GLU A 32 5.24 9.28 -11.66
CA GLU A 32 5.73 8.96 -10.33
C GLU A 32 4.93 7.83 -9.71
N TYR A 33 5.61 7.00 -8.93
CA TYR A 33 4.98 5.89 -8.24
C TYR A 33 4.85 6.24 -6.77
N ASP A 34 3.61 6.46 -6.33
CA ASP A 34 3.28 6.70 -4.93
C ASP A 34 2.37 5.55 -4.51
N PRO A 35 2.90 4.52 -3.85
CA PRO A 35 2.08 3.35 -3.51
C PRO A 35 0.90 3.72 -2.62
N THR A 36 -0.22 3.04 -2.85
CA THR A 36 -1.49 3.35 -2.22
C THR A 36 -1.72 2.46 -1.01
N ILE A 37 -2.27 3.05 0.04
CA ILE A 37 -2.83 2.29 1.15
C ILE A 37 -4.32 2.21 0.94
N GLU A 38 -4.98 3.36 0.86
CA GLU A 38 -6.38 3.44 0.45
C GLU A 38 -6.75 4.88 0.15
N ASP A 39 -7.36 5.13 -1.00
CA ASP A 39 -7.79 6.47 -1.33
C ASP A 39 -9.18 6.40 -1.93
N SER A 40 -9.99 7.42 -1.63
N SER A 40 -10.00 7.41 -1.63
CA SER A 40 -11.37 7.50 -2.08
CA SER A 40 -11.37 7.47 -2.12
C SER A 40 -11.54 8.74 -2.95
C SER A 40 -11.56 8.73 -2.95
N TYR A 41 -12.33 8.60 -4.02
CA TYR A 41 -12.62 9.69 -4.93
C TYR A 41 -14.12 9.68 -5.25
N ARG A 42 -14.64 10.84 -5.63
CA ARG A 42 -16.02 10.94 -6.07
C ARG A 42 -16.05 11.77 -7.34
N LYS A 43 -16.92 11.39 -8.29
CA LYS A 43 -17.06 12.14 -9.52
C LYS A 43 -18.48 11.98 -10.06
N GLN A 44 -19.06 13.09 -10.49
CA GLN A 44 -20.35 13.07 -11.16
C GLN A 44 -20.14 12.92 -12.66
N VAL A 45 -20.86 11.97 -13.26
CA VAL A 45 -20.71 11.62 -14.67
C VAL A 45 -22.08 11.43 -15.28
N VAL A 46 -22.14 11.47 -16.60
CA VAL A 46 -23.30 11.08 -17.37
C VAL A 46 -22.92 9.86 -18.18
N ILE A 47 -23.66 8.77 -17.99
CA ILE A 47 -23.38 7.50 -18.67
C ILE A 47 -24.68 7.02 -19.29
N ASP A 48 -24.68 6.87 -20.62
CA ASP A 48 -25.87 6.46 -21.35
C ASP A 48 -27.04 7.41 -21.10
N GLY A 49 -26.73 8.69 -20.97
CA GLY A 49 -27.73 9.71 -20.72
C GLY A 49 -28.22 9.78 -19.29
N GLU A 50 -27.68 8.96 -18.40
N GLU A 50 -27.70 8.97 -18.39
CA GLU A 50 -28.12 8.88 -17.00
CA GLU A 50 -28.16 8.94 -17.02
C GLU A 50 -27.02 9.46 -16.13
C GLU A 50 -27.06 9.44 -16.11
N THR A 51 -27.33 10.53 -15.39
CA THR A 51 -26.34 11.15 -14.53
C THR A 51 -26.21 10.39 -13.21
N SER A 52 -24.96 10.20 -12.78
CA SER A 52 -24.71 9.38 -11.61
C SER A 52 -23.50 9.89 -10.85
N LEU A 53 -23.42 9.50 -9.59
CA LEU A 53 -22.30 9.82 -8.71
C LEU A 53 -21.48 8.55 -8.49
N LEU A 54 -20.20 8.58 -8.86
CA LEU A 54 -19.32 7.45 -8.69
C LEU A 54 -18.49 7.66 -7.43
N ASP A 55 -18.56 6.69 -6.51
CA ASP A 55 -17.67 6.64 -5.35
C ASP A 55 -16.62 5.57 -5.64
N ILE A 56 -15.38 5.99 -5.82
CA ILE A 56 -14.32 5.10 -6.27
C ILE A 56 -13.32 4.87 -5.16
N LEU A 57 -13.09 3.61 -4.85
CA LEU A 57 -12.14 3.20 -3.83
C LEU A 57 -10.91 2.63 -4.53
N ASP A 58 -9.78 3.27 -4.33
CA ASP A 58 -8.50 2.88 -4.91
C ASP A 58 -7.75 2.11 -3.83
N THR A 59 -7.44 0.85 -4.09
CA THR A 59 -6.94 -0.05 -3.05
C THR A 59 -5.43 -0.26 -3.16
N ALA A 60 -4.87 -0.94 -2.16
CA ALA A 60 -3.46 -1.29 -2.17
C ALA A 60 -3.22 -2.55 -2.97
N GLY A 61 -2.11 -2.60 -3.71
CA GLY A 61 -1.75 -3.82 -4.42
C GLY A 61 -1.26 -4.94 -3.51
N GLN A 62 -0.84 -4.61 -2.29
CA GLN A 62 -0.37 -5.55 -1.29
C GLN A 62 -1.49 -5.81 -0.29
N GLU A 63 -1.77 -7.09 -0.03
CA GLU A 63 -2.79 -7.48 0.94
C GLU A 63 -2.27 -7.27 2.36
N GLU A 64 -3.17 -6.87 3.25
CA GLU A 64 -2.79 -6.69 4.66
C GLU A 64 -3.26 -7.86 5.51
N TYR A 65 -4.46 -7.78 6.09
CA TYR A 65 -4.99 -8.91 6.85
C TYR A 65 -6.45 -9.21 6.53
N SER A 66 -6.85 -8.99 5.27
CA SER A 66 -8.06 -9.57 4.69
C SER A 66 -9.37 -9.07 5.31
N ALA A 67 -9.42 -8.93 6.63
CA ALA A 67 -10.67 -8.53 7.28
C ALA A 67 -11.14 -7.16 6.82
N MET A 68 -10.19 -6.26 6.51
CA MET A 68 -10.55 -4.97 5.92
C MET A 68 -10.63 -5.04 4.40
N ARG A 69 -10.00 -6.04 3.77
CA ARG A 69 -10.24 -6.27 2.35
C ARG A 69 -11.63 -6.86 2.15
N ASP A 70 -12.03 -7.82 2.98
CA ASP A 70 -13.40 -8.30 2.95
C ASP A 70 -14.37 -7.16 3.18
N GLN A 71 -13.95 -6.14 3.93
CA GLN A 71 -14.79 -4.98 4.20
C GLN A 71 -15.19 -4.27 2.92
N TYR A 72 -14.21 -3.86 2.12
CA TYR A 72 -14.58 -3.11 0.92
C TYR A 72 -15.16 -4.00 -0.16
N MET A 73 -14.88 -5.31 -0.13
CA MET A 73 -15.57 -6.22 -1.03
C MET A 73 -17.03 -6.37 -0.61
N ARG A 74 -17.27 -6.40 0.71
CA ARG A 74 -18.61 -6.47 1.23
C ARG A 74 -19.47 -5.31 0.73
N THR A 75 -18.93 -4.09 0.76
N THR A 75 -18.93 -4.09 0.75
CA THR A 75 -19.70 -2.89 0.43
CA THR A 75 -19.73 -2.92 0.43
C THR A 75 -19.59 -2.47 -1.02
C THR A 75 -19.61 -2.49 -1.04
N GLY A 76 -18.58 -2.93 -1.75
CA GLY A 76 -18.42 -2.52 -3.14
C GLY A 76 -19.51 -3.11 -4.02
N GLU A 77 -19.97 -2.31 -4.98
CA GLU A 77 -21.03 -2.74 -5.89
C GLU A 77 -20.50 -3.27 -7.21
N GLY A 78 -19.33 -2.80 -7.61
CA GLY A 78 -18.71 -3.25 -8.84
C GLY A 78 -17.21 -3.11 -8.71
N PHE A 79 -16.48 -3.97 -9.43
CA PHE A 79 -15.03 -4.08 -9.26
C PHE A 79 -14.32 -4.02 -10.60
N LEU A 80 -13.28 -3.19 -10.68
CA LEU A 80 -12.32 -3.28 -11.77
C LEU A 80 -11.20 -4.21 -11.33
N LEU A 81 -10.95 -5.24 -12.12
CA LEU A 81 -9.87 -6.20 -11.88
C LEU A 81 -8.76 -5.80 -12.84
N VAL A 82 -7.73 -5.15 -12.31
CA VAL A 82 -6.70 -4.54 -13.15
C VAL A 82 -5.44 -5.40 -13.13
N PHE A 83 -4.91 -5.69 -14.30
CA PHE A 83 -3.56 -6.21 -14.45
C PHE A 83 -2.84 -5.32 -15.46
N ALA A 84 -1.53 -5.49 -15.56
CA ALA A 84 -0.71 -4.76 -16.52
C ALA A 84 -0.25 -5.72 -17.60
N ILE A 85 -0.35 -5.27 -18.87
CA ILE A 85 -0.05 -6.16 -19.98
C ILE A 85 1.40 -6.61 -20.03
N ASN A 86 2.28 -5.96 -19.26
CA ASN A 86 3.69 -6.33 -19.19
C ASN A 86 4.05 -6.98 -17.87
N ASN A 87 3.07 -7.50 -17.14
CA ASN A 87 3.31 -8.10 -15.82
C ASN A 87 2.48 -9.37 -15.76
N THR A 88 3.10 -10.51 -16.11
CA THR A 88 2.38 -11.76 -16.17
C THR A 88 1.85 -12.18 -14.79
N LYS A 89 2.64 -11.94 -13.74
CA LYS A 89 2.18 -12.27 -12.40
C LYS A 89 0.90 -11.52 -12.06
N SER A 90 0.82 -10.23 -12.46
CA SER A 90 -0.40 -9.48 -12.18
C SER A 90 -1.61 -10.09 -12.87
N PHE A 91 -1.43 -10.65 -14.08
CA PHE A 91 -2.53 -11.33 -14.75
C PHE A 91 -2.88 -12.63 -14.04
N GLU A 92 -1.87 -13.38 -13.59
CA GLU A 92 -2.10 -14.60 -12.84
C GLU A 92 -2.81 -14.31 -11.52
N ASP A 93 -2.59 -13.15 -10.94
CA ASP A 93 -3.24 -12.82 -9.67
C ASP A 93 -4.73 -12.56 -9.82
N ILE A 94 -5.20 -12.34 -11.05
CA ILE A 94 -6.59 -11.89 -11.26
C ILE A 94 -7.58 -12.86 -10.65
N HIS A 95 -7.37 -14.16 -10.86
CA HIS A 95 -8.36 -15.12 -10.38
C HIS A 95 -8.50 -15.09 -8.86
N HIS A 96 -7.43 -14.78 -8.14
CA HIS A 96 -7.54 -14.67 -6.68
C HIS A 96 -8.52 -13.57 -6.28
N TYR A 97 -8.47 -12.42 -6.96
CA TYR A 97 -9.39 -11.33 -6.62
C TYR A 97 -10.83 -11.71 -6.91
N ARG A 98 -11.07 -12.29 -8.09
CA ARG A 98 -12.42 -12.74 -8.39
C ARG A 98 -12.91 -13.77 -7.39
N GLU A 99 -12.06 -14.73 -7.03
CA GLU A 99 -12.47 -15.73 -6.04
C GLU A 99 -12.84 -15.08 -4.71
N GLN A 100 -12.04 -14.13 -4.25
CA GLN A 100 -12.32 -13.45 -2.98
C GLN A 100 -13.63 -12.68 -3.03
N ILE A 101 -13.87 -11.98 -4.14
CA ILE A 101 -15.10 -11.20 -4.26
C ILE A 101 -16.33 -12.12 -4.24
N LYS A 102 -16.28 -13.20 -5.02
CA LYS A 102 -17.41 -14.14 -5.07
C LYS A 102 -17.65 -14.75 -3.71
N ARG A 103 -16.59 -15.00 -2.96
CA ARG A 103 -16.74 -15.59 -1.63
C ARG A 103 -17.47 -14.64 -0.69
N VAL A 104 -17.04 -13.37 -0.65
CA VAL A 104 -17.65 -12.37 0.21
C VAL A 104 -19.09 -12.08 -0.21
N LYS A 105 -19.34 -11.97 -1.50
CA LYS A 105 -20.64 -11.60 -2.03
C LYS A 105 -21.58 -12.79 -2.19
N ASP A 106 -21.07 -14.01 -2.05
CA ASP A 106 -21.88 -15.23 -2.19
C ASP A 106 -22.62 -15.25 -3.51
N SER A 107 -21.88 -14.98 -4.59
CA SER A 107 -22.50 -14.88 -5.90
C SER A 107 -21.46 -15.09 -6.98
N GLU A 108 -21.85 -15.75 -8.07
CA GLU A 108 -21.06 -15.82 -9.28
C GLU A 108 -21.37 -14.69 -10.26
N ASP A 109 -22.32 -13.83 -9.91
CA ASP A 109 -22.81 -12.76 -10.78
C ASP A 109 -22.62 -11.43 -10.04
N VAL A 110 -21.37 -11.00 -9.92
CA VAL A 110 -21.01 -9.72 -9.31
C VAL A 110 -20.52 -8.82 -10.43
N PRO A 111 -20.98 -7.57 -10.50
CA PRO A 111 -20.49 -6.66 -11.56
C PRO A 111 -18.98 -6.46 -11.48
N MET A 112 -18.31 -6.77 -12.58
CA MET A 112 -16.87 -6.72 -12.68
C MET A 112 -16.47 -6.45 -14.12
N VAL A 113 -15.31 -5.83 -14.30
CA VAL A 113 -14.70 -5.62 -15.61
C VAL A 113 -13.22 -5.97 -15.48
N LEU A 114 -12.72 -6.80 -16.39
CA LEU A 114 -11.29 -7.09 -16.46
C LEU A 114 -10.59 -6.00 -17.24
N VAL A 115 -9.55 -5.40 -16.65
CA VAL A 115 -8.85 -4.27 -17.24
C VAL A 115 -7.39 -4.65 -17.49
N GLY A 116 -6.98 -4.60 -18.77
CA GLY A 116 -5.59 -4.77 -19.13
C GLY A 116 -4.92 -3.43 -19.38
N ASN A 117 -4.16 -2.97 -18.40
CA ASN A 117 -3.62 -1.61 -18.41
C ASN A 117 -2.19 -1.58 -18.94
N LYS A 118 -1.72 -0.36 -19.20
CA LYS A 118 -0.41 -0.08 -19.77
C LYS A 118 -0.31 -0.52 -21.23
N SER A 119 -1.41 -0.41 -21.97
N SER A 119 -1.42 -0.39 -21.96
CA SER A 119 -1.43 -0.84 -23.36
CA SER A 119 -1.51 -0.78 -23.36
C SER A 119 -0.48 -0.03 -24.23
C SER A 119 -0.75 0.14 -24.30
N ASP A 120 -0.08 1.16 -23.77
CA ASP A 120 0.81 2.00 -24.57
C ASP A 120 2.22 1.43 -24.68
N LEU A 121 2.60 0.48 -23.76
CA LEU A 121 3.98 0.05 -23.57
C LEU A 121 4.37 -1.05 -24.56
N PRO A 122 5.65 -1.13 -24.89
CA PRO A 122 6.15 -2.22 -25.76
C PRO A 122 6.75 -3.41 -25.02
N SER A 123 6.54 -3.53 -23.71
CA SER A 123 7.08 -4.65 -22.94
C SER A 123 6.03 -5.73 -22.64
N ARG A 124 5.05 -5.90 -23.52
CA ARG A 124 3.91 -6.79 -23.26
C ARG A 124 4.34 -8.22 -23.03
N THR A 125 3.75 -8.85 -22.00
CA THR A 125 3.95 -10.26 -21.73
C THR A 125 2.66 -11.06 -21.66
N VAL A 126 1.49 -10.40 -21.72
CA VAL A 126 0.20 -11.07 -21.63
C VAL A 126 -0.55 -10.80 -22.92
N ASP A 127 -0.87 -11.86 -23.65
CA ASP A 127 -1.57 -11.71 -24.93
C ASP A 127 -3.00 -11.26 -24.69
N THR A 128 -3.51 -10.42 -25.60
CA THR A 128 -4.90 -9.99 -25.53
C THR A 128 -5.86 -11.19 -25.53
N LYS A 129 -5.55 -12.21 -26.33
CA LYS A 129 -6.41 -13.39 -26.39
C LYS A 129 -6.53 -14.07 -25.03
N GLN A 130 -5.40 -14.17 -24.30
CA GLN A 130 -5.44 -14.71 -22.94
C GLN A 130 -6.45 -13.96 -22.08
N ALA A 131 -6.42 -12.63 -22.14
CA ALA A 131 -7.31 -11.84 -21.31
C ALA A 131 -8.76 -11.94 -21.78
N GLN A 132 -8.98 -11.89 -23.10
CA GLN A 132 -10.33 -12.06 -23.64
C GLN A 132 -10.93 -13.40 -23.21
N ASP A 133 -10.15 -14.47 -23.30
CA ASP A 133 -10.66 -15.78 -22.91
C ASP A 133 -10.93 -15.84 -21.41
N LEU A 134 -10.06 -15.22 -20.61
CA LEU A 134 -10.32 -15.18 -19.17
C LEU A 134 -11.62 -14.45 -18.88
N ALA A 135 -11.82 -13.29 -19.51
CA ALA A 135 -13.04 -12.53 -19.28
C ALA A 135 -14.27 -13.32 -19.71
N ARG A 136 -14.13 -14.08 -20.80
CA ARG A 136 -15.25 -14.92 -21.25
C ARG A 136 -15.56 -16.00 -20.23
N SER A 137 -14.51 -16.60 -19.65
CA SER A 137 -14.73 -17.66 -18.66
C SER A 137 -15.48 -17.13 -17.45
N TYR A 138 -15.35 -15.84 -17.17
CA TYR A 138 -16.01 -15.20 -16.05
C TYR A 138 -17.34 -14.56 -16.43
N GLY A 139 -17.61 -14.41 -17.72
CA GLY A 139 -18.80 -13.72 -18.16
C GLY A 139 -18.78 -12.22 -17.95
N ILE A 140 -17.61 -11.59 -18.08
CA ILE A 140 -17.48 -10.16 -17.81
C ILE A 140 -16.79 -9.48 -19.00
N PRO A 141 -16.93 -8.17 -19.13
CA PRO A 141 -16.22 -7.46 -20.21
C PRO A 141 -14.73 -7.37 -19.93
N PHE A 142 -13.98 -7.19 -21.02
CA PHE A 142 -12.56 -6.92 -20.99
C PHE A 142 -12.31 -5.61 -21.71
N ILE A 143 -11.58 -4.70 -21.04
CA ILE A 143 -11.27 -3.39 -21.60
C ILE A 143 -9.75 -3.18 -21.52
N GLU A 144 -9.13 -2.85 -22.64
CA GLU A 144 -7.72 -2.50 -22.71
C GLU A 144 -7.58 -1.00 -22.47
N THR A 145 -6.68 -0.63 -21.56
CA THR A 145 -6.55 0.76 -21.17
C THR A 145 -5.08 1.18 -21.18
N SER A 146 -4.90 2.49 -21.23
CA SER A 146 -3.62 3.12 -20.91
C SER A 146 -3.95 4.35 -20.07
N ALA A 147 -3.56 4.36 -18.80
CA ALA A 147 -3.65 5.59 -18.03
C ALA A 147 -2.76 6.68 -18.59
N LYS A 148 -1.73 6.33 -19.35
CA LYS A 148 -0.81 7.33 -19.87
C LYS A 148 -1.43 8.12 -21.02
N THR A 149 -2.03 7.43 -21.99
CA THR A 149 -2.64 8.07 -23.14
C THR A 149 -4.12 8.32 -22.96
N ARG A 150 -4.72 7.81 -21.88
CA ARG A 150 -6.15 7.89 -21.55
C ARG A 150 -6.99 6.91 -22.36
N GLN A 151 -6.38 6.08 -23.21
CA GLN A 151 -7.11 5.08 -23.96
C GLN A 151 -7.91 4.19 -23.02
N GLY A 152 -9.22 4.09 -23.29
CA GLY A 152 -10.09 3.15 -22.61
C GLY A 152 -10.42 3.48 -21.17
N VAL A 153 -9.95 4.61 -20.64
CA VAL A 153 -10.12 4.89 -19.22
C VAL A 153 -11.59 5.11 -18.88
N ASP A 154 -12.24 6.10 -19.51
CA ASP A 154 -13.67 6.27 -19.29
C ASP A 154 -14.43 5.00 -19.61
N ASP A 155 -14.02 4.31 -20.68
CA ASP A 155 -14.71 3.08 -21.09
C ASP A 155 -14.71 2.05 -19.97
N ALA A 156 -13.58 1.91 -19.28
CA ALA A 156 -13.50 0.88 -18.25
C ALA A 156 -14.45 1.18 -17.10
N PHE A 157 -14.44 2.41 -16.60
CA PHE A 157 -15.31 2.77 -15.49
C PHE A 157 -16.76 2.82 -15.92
N TYR A 158 -17.05 3.40 -17.09
CA TYR A 158 -18.43 3.49 -17.52
C TYR A 158 -19.01 2.11 -17.81
N THR A 159 -18.22 1.21 -18.38
CA THR A 159 -18.68 -0.16 -18.60
C THR A 159 -18.99 -0.86 -17.28
N LEU A 160 -18.18 -0.61 -16.26
CA LEU A 160 -18.50 -1.18 -14.95
C LEU A 160 -19.85 -0.69 -14.45
N VAL A 161 -20.12 0.61 -14.58
CA VAL A 161 -21.42 1.14 -14.18
C VAL A 161 -22.54 0.49 -14.98
N ARG A 162 -22.34 0.30 -16.29
CA ARG A 162 -23.34 -0.39 -17.10
C ARG A 162 -23.59 -1.81 -16.59
N GLU A 163 -22.53 -2.50 -16.16
CA GLU A 163 -22.69 -3.84 -15.61
C GLU A 163 -23.48 -3.84 -14.32
N ILE A 164 -23.23 -2.85 -13.44
CA ILE A 164 -24.04 -2.73 -12.23
C ILE A 164 -25.50 -2.50 -12.58
N ARG A 165 -25.76 -1.56 -13.50
CA ARG A 165 -27.13 -1.26 -13.89
C ARG A 165 -27.82 -2.49 -14.48
N LYS A 166 -27.10 -3.27 -15.30
CA LYS A 166 -27.70 -4.47 -15.88
C LYS A 166 -27.98 -5.51 -14.81
N HIS A 167 -27.08 -5.64 -13.83
CA HIS A 167 -27.28 -6.57 -12.72
C HIS A 167 -28.52 -6.19 -11.90
N LYS A 168 -28.72 -4.89 -11.67
CA LYS A 168 -29.90 -4.43 -10.93
C LYS A 168 -31.21 -4.73 -11.66
N GLU A 169 -31.18 -4.97 -12.97
CA GLU A 169 -32.42 -5.26 -13.69
C GLU A 169 -32.89 -6.69 -13.44
N LYS A 170 -31.98 -7.60 -13.14
CA LYS A 170 -32.31 -9.02 -13.00
C LYS A 170 -33.05 -9.30 -11.69
N VAL B 3 25.63 -5.94 26.83
CA VAL B 3 24.22 -5.59 26.70
C VAL B 3 23.80 -5.48 25.23
N ASN B 4 22.52 -5.76 24.97
CA ASN B 4 21.93 -5.43 23.68
C ASN B 4 22.08 -3.93 23.42
N PRO B 5 22.23 -3.52 22.18
CA PRO B 5 22.43 -2.09 21.91
C PRO B 5 21.17 -1.29 22.21
N THR B 6 21.37 -0.05 22.62
CA THR B 6 20.30 0.93 22.72
C THR B 6 20.60 2.08 21.79
N VAL B 7 19.62 2.43 20.95
CA VAL B 7 19.75 3.56 20.04
C VAL B 7 18.63 4.54 20.35
N PHE B 8 18.82 5.79 19.93
CA PHE B 8 17.82 6.83 20.17
C PHE B 8 17.49 7.55 18.87
N PHE B 9 16.25 8.02 18.78
CA PHE B 9 15.82 8.99 17.78
C PHE B 9 15.33 10.22 18.51
N ASP B 10 15.80 11.40 18.11
CA ASP B 10 15.17 12.64 18.52
C ASP B 10 14.18 13.04 17.43
N ILE B 11 12.90 13.04 17.78
CA ILE B 11 11.83 13.25 16.81
C ILE B 11 11.49 14.73 16.74
N ALA B 12 11.25 15.24 15.53
CA ALA B 12 10.83 16.62 15.32
C ALA B 12 9.55 16.66 14.49
N VAL B 13 8.76 17.71 14.70
CA VAL B 13 7.51 17.96 13.99
C VAL B 13 7.69 19.31 13.30
N ASP B 14 7.73 19.30 11.97
CA ASP B 14 8.06 20.49 11.19
C ASP B 14 9.29 21.21 11.74
N GLY B 15 10.28 20.43 12.18
CA GLY B 15 11.51 20.96 12.70
C GLY B 15 11.54 21.24 14.19
N GLU B 16 10.38 21.31 14.85
CA GLU B 16 10.39 21.57 16.28
C GLU B 16 10.56 20.27 17.05
N PRO B 17 11.38 20.26 18.09
CA PRO B 17 11.62 19.01 18.83
C PRO B 17 10.34 18.53 19.49
N LEU B 18 10.07 17.24 19.34
CA LEU B 18 8.96 16.57 20.02
C LEU B 18 9.43 15.79 21.23
N GLY B 19 10.41 14.91 21.05
CA GLY B 19 11.00 14.18 22.16
C GLY B 19 11.86 13.06 21.65
N ARG B 20 12.47 12.35 22.59
CA ARG B 20 13.39 11.26 22.28
C ARG B 20 12.71 9.92 22.48
N VAL B 21 12.86 9.02 21.51
CA VAL B 21 12.45 7.63 21.61
C VAL B 21 13.72 6.79 21.60
N SER B 22 13.85 5.87 22.56
N SER B 22 13.84 5.86 22.55
CA SER B 22 14.98 4.98 22.60
CA SER B 22 14.98 4.98 22.63
C SER B 22 14.50 3.54 22.43
C SER B 22 14.50 3.54 22.44
N PHE B 23 15.37 2.72 21.84
CA PHE B 23 15.00 1.36 21.49
C PHE B 23 16.07 0.40 21.99
N GLU B 24 15.63 -0.71 22.55
CA GLU B 24 16.50 -1.86 22.75
C GLU B 24 16.47 -2.70 21.48
N LEU B 25 17.64 -3.06 20.98
CA LEU B 25 17.76 -3.88 19.78
C LEU B 25 18.17 -5.28 20.20
N PHE B 26 17.39 -6.28 19.79
CA PHE B 26 17.57 -7.66 20.25
C PHE B 26 18.70 -8.36 19.48
N ALA B 27 19.92 -7.82 19.65
CA ALA B 27 21.07 -8.41 18.98
C ALA B 27 21.34 -9.84 19.45
N ASP B 28 20.90 -10.19 20.66
CA ASP B 28 21.10 -11.55 21.16
C ASP B 28 20.27 -12.56 20.37
N LYS B 29 19.17 -12.13 19.77
CA LYS B 29 18.30 -13.02 19.00
C LYS B 29 18.32 -12.75 17.50
N VAL B 30 18.45 -11.50 17.09
CA VAL B 30 18.42 -11.12 15.69
C VAL B 30 19.64 -10.26 15.37
N PRO B 31 20.85 -10.81 15.44
CA PRO B 31 22.05 -9.94 15.38
C PRO B 31 22.24 -9.19 14.07
N LYS B 32 21.98 -9.81 12.92
CA LYS B 32 22.22 -9.13 11.64
C LYS B 32 21.24 -7.98 11.44
N THR B 33 19.97 -8.20 11.80
CA THR B 33 18.96 -7.17 11.65
C THR B 33 19.18 -6.04 12.67
N ALA B 34 19.55 -6.41 13.90
CA ALA B 34 19.88 -5.42 14.92
C ALA B 34 21.06 -4.56 14.50
N GLU B 35 22.12 -5.19 13.97
CA GLU B 35 23.31 -4.45 13.55
C GLU B 35 22.99 -3.47 12.42
N ASN B 36 22.17 -3.87 11.46
CA ASN B 36 21.76 -2.95 10.40
C ASN B 36 21.12 -1.69 10.99
N PHE B 37 20.12 -1.85 11.85
CA PHE B 37 19.44 -0.70 12.42
C PHE B 37 20.39 0.13 13.27
N ARG B 38 21.27 -0.53 14.04
CA ARG B 38 22.23 0.19 14.88
C ARG B 38 23.15 1.07 14.03
N ALA B 39 23.74 0.50 12.98
CA ALA B 39 24.66 1.25 12.14
C ALA B 39 23.94 2.38 11.38
N LEU B 40 22.72 2.13 10.92
CA LEU B 40 21.99 3.19 10.25
C LEU B 40 21.61 4.31 11.21
N SER B 41 21.48 3.99 12.50
CA SER B 41 21.18 5.00 13.49
C SER B 41 22.40 5.85 13.85
N THR B 42 23.60 5.28 13.84
CA THR B 42 24.80 6.08 14.10
C THR B 42 25.26 6.84 12.87
N GLY B 43 24.87 6.39 11.67
CA GLY B 43 25.40 6.97 10.45
C GLY B 43 26.82 6.58 10.11
N GLU B 44 27.38 5.57 10.79
CA GLU B 44 28.82 5.30 10.72
C GLU B 44 29.28 4.80 9.35
N LYS B 45 28.39 4.29 8.51
CA LYS B 45 28.76 3.86 7.18
C LYS B 45 28.72 4.99 6.16
N GLY B 46 28.33 6.20 6.58
CA GLY B 46 28.20 7.33 5.68
C GLY B 46 26.79 7.61 5.21
N PHE B 47 25.82 6.81 5.67
CA PHE B 47 24.42 6.99 5.32
C PHE B 47 23.60 6.44 6.48
N GLY B 48 22.33 6.82 6.55
CA GLY B 48 21.50 6.33 7.62
C GLY B 48 20.28 7.21 7.87
N TYR B 49 19.67 7.00 9.04
CA TYR B 49 18.34 7.53 9.32
C TYR B 49 18.31 9.03 9.57
N LYS B 50 19.42 9.64 9.99
CA LYS B 50 19.36 11.03 10.42
C LYS B 50 18.78 11.92 9.31
N GLY B 51 17.73 12.67 9.66
CA GLY B 51 17.08 13.58 8.76
C GLY B 51 15.89 12.98 8.03
N SER B 52 15.74 11.66 8.06
CA SER B 52 14.66 11.02 7.33
C SER B 52 13.35 11.12 8.11
N SER B 53 12.25 10.74 7.48
CA SER B 53 10.95 11.01 8.06
C SER B 53 10.16 9.73 8.31
N PHE B 54 9.13 9.88 9.14
CA PHE B 54 8.09 8.87 9.27
C PHE B 54 7.02 9.19 8.22
N HIS B 55 7.08 8.48 7.10
CA HIS B 55 6.21 8.82 5.97
C HIS B 55 4.82 8.23 6.08
N ARG B 56 4.61 7.24 6.95
CA ARG B 56 3.32 6.57 7.03
C ARG B 56 3.02 6.34 8.51
N ILE B 57 1.99 7.02 9.01
CA ILE B 57 1.57 6.91 10.41
C ILE B 57 0.09 6.58 10.41
N ILE B 58 -0.25 5.39 10.89
CA ILE B 58 -1.64 4.95 10.95
C ILE B 58 -2.01 4.84 12.43
N PRO B 59 -2.83 5.75 12.97
CA PRO B 59 -3.15 5.70 14.39
C PRO B 59 -3.79 4.38 14.78
N GLY B 60 -3.37 3.85 15.92
CA GLY B 60 -3.86 2.57 16.39
C GLY B 60 -3.25 1.37 15.70
N PHE B 61 -2.30 1.59 14.79
CA PHE B 61 -1.63 0.52 14.07
C PHE B 61 -0.12 0.66 14.20
N MET B 62 0.51 1.59 13.48
CA MET B 62 1.97 1.66 13.52
C MET B 62 2.46 2.97 12.89
N CYS B 63 3.72 3.30 13.19
CA CYS B 63 4.43 4.40 12.56
C CYS B 63 5.59 3.82 11.76
N GLN B 64 5.68 4.16 10.48
CA GLN B 64 6.68 3.58 9.58
C GLN B 64 7.61 4.67 9.05
N GLY B 65 8.91 4.37 9.01
CA GLY B 65 9.89 5.31 8.51
C GLY B 65 11.09 4.62 7.89
N GLY B 66 12.17 5.36 7.68
CA GLY B 66 13.43 4.77 7.33
C GLY B 66 13.86 4.92 5.89
N ASP B 67 13.16 5.70 5.07
CA ASP B 67 13.56 5.90 3.68
C ASP B 67 14.44 7.15 3.61
N PHE B 68 15.76 6.93 3.62
CA PHE B 68 16.72 8.02 3.54
C PHE B 68 17.35 8.13 2.15
N THR B 69 16.90 7.33 1.19
CA THR B 69 17.46 7.42 -0.16
C THR B 69 16.52 8.10 -1.15
N ARG B 70 15.26 7.70 -1.19
CA ARG B 70 14.27 8.32 -2.06
C ARG B 70 13.41 9.35 -1.36
N HIS B 71 13.34 9.30 -0.03
CA HIS B 71 12.59 10.27 0.78
C HIS B 71 11.10 10.28 0.44
N ASN B 72 10.55 9.15 0.01
CA ASN B 72 9.14 9.14 -0.33
C ASN B 72 8.43 7.84 0.08
N GLY B 73 9.12 6.95 0.78
CA GLY B 73 8.55 5.67 1.16
C GLY B 73 8.81 4.54 0.18
N THR B 74 9.50 4.80 -0.93
CA THR B 74 9.83 3.73 -1.86
C THR B 74 11.26 3.25 -1.71
N GLY B 75 12.09 3.98 -0.98
CA GLY B 75 13.51 3.73 -0.96
C GLY B 75 13.93 2.85 0.19
N GLY B 76 15.14 2.33 0.07
CA GLY B 76 15.62 1.46 1.11
C GLY B 76 17.04 1.08 0.82
N LYS B 77 17.87 1.06 1.85
CA LYS B 77 19.26 0.64 1.71
C LYS B 77 19.70 0.06 3.04
N SER B 78 20.16 -1.20 3.04
CA SER B 78 20.74 -1.76 4.24
C SER B 78 22.25 -1.59 4.22
N ILE B 79 22.89 -1.93 5.34
CA ILE B 79 24.36 -1.95 5.39
C ILE B 79 24.94 -3.13 4.62
N TYR B 80 24.09 -4.03 4.09
CA TYR B 80 24.53 -5.23 3.41
C TYR B 80 24.25 -5.17 1.91
N GLY B 81 23.79 -4.04 1.41
CA GLY B 81 23.26 -3.95 0.06
C GLY B 81 21.83 -3.42 0.09
N GLU B 82 21.23 -3.40 -1.11
CA GLU B 82 19.86 -2.90 -1.20
C GLU B 82 18.90 -3.69 -0.31
N LYS B 83 19.09 -5.01 -0.21
CA LYS B 83 18.20 -5.84 0.60
C LYS B 83 18.97 -6.97 1.28
N PHE B 84 18.35 -7.54 2.33
CA PHE B 84 18.89 -8.72 2.98
C PHE B 84 17.76 -9.64 3.41
N GLU B 85 18.10 -10.90 3.67
CA GLU B 85 17.08 -11.92 3.89
C GLU B 85 16.46 -11.77 5.27
N ASP B 86 15.28 -12.35 5.43
CA ASP B 86 14.63 -12.40 6.74
C ASP B 86 15.46 -13.28 7.65
N GLU B 87 15.96 -12.70 8.75
CA GLU B 87 16.92 -13.42 9.59
C GLU B 87 16.24 -14.54 10.37
N ASN B 88 15.15 -14.23 11.06
CA ASN B 88 14.31 -15.24 11.71
C ASN B 88 13.00 -14.57 12.10
N PHE B 89 12.02 -15.39 12.45
CA PHE B 89 10.71 -14.93 12.89
C PHE B 89 10.45 -15.33 14.34
N ILE B 90 11.49 -15.32 15.16
CA ILE B 90 11.36 -15.74 16.55
C ILE B 90 10.39 -14.84 17.29
N LEU B 91 10.59 -13.53 17.20
CA LEU B 91 9.83 -12.58 17.98
C LEU B 91 8.57 -12.15 17.24
N LYS B 92 7.53 -11.86 18.01
CA LYS B 92 6.20 -11.60 17.47
C LYS B 92 5.80 -10.17 17.75
N HIS B 93 4.79 -9.71 17.01
CA HIS B 93 4.26 -8.36 17.18
C HIS B 93 3.22 -8.45 18.30
N THR B 94 3.68 -8.27 19.53
CA THR B 94 2.87 -8.57 20.70
C THR B 94 2.11 -7.37 21.26
N GLY B 95 2.44 -6.16 20.83
CA GLY B 95 1.77 -4.99 21.34
C GLY B 95 2.53 -3.71 21.05
N PRO B 96 2.10 -2.61 21.64
CA PRO B 96 2.74 -1.31 21.36
C PRO B 96 4.23 -1.34 21.71
N GLY B 97 5.01 -0.63 20.90
CA GLY B 97 6.43 -0.49 21.12
C GLY B 97 7.29 -1.44 20.31
N ILE B 98 6.71 -2.51 19.74
CA ILE B 98 7.50 -3.45 18.96
C ILE B 98 8.11 -2.76 17.74
N LEU B 99 9.40 -3.01 17.50
CA LEU B 99 10.14 -2.47 16.37
C LEU B 99 10.41 -3.60 15.39
N SER B 100 9.98 -3.41 14.14
CA SER B 100 9.96 -4.49 13.17
C SER B 100 10.33 -3.94 11.80
N MET B 101 10.79 -4.82 10.92
CA MET B 101 11.22 -4.41 9.58
C MET B 101 10.04 -4.32 8.62
N ALA B 102 9.93 -3.20 7.93
CA ALA B 102 9.06 -3.13 6.77
C ALA B 102 9.68 -3.91 5.62
N ASN B 103 8.85 -4.36 4.69
CA ASN B 103 9.38 -5.12 3.55
C ASN B 103 8.36 -5.15 2.43
N ALA B 104 8.81 -5.62 1.28
CA ALA B 104 7.97 -5.80 0.10
C ALA B 104 7.71 -7.27 -0.20
N GLY B 105 7.76 -8.11 0.83
CA GLY B 105 7.68 -9.53 0.63
C GLY B 105 8.88 -10.23 1.25
N PRO B 106 8.98 -11.54 1.06
CA PRO B 106 10.05 -12.31 1.71
C PRO B 106 11.43 -11.82 1.27
N ASN B 107 12.31 -11.66 2.25
CA ASN B 107 13.74 -11.41 2.01
C ASN B 107 13.99 -10.10 1.27
N THR B 108 13.31 -9.03 1.69
CA THR B 108 13.47 -7.72 1.08
C THR B 108 13.72 -6.66 2.14
N ASN B 109 14.37 -7.02 3.23
CA ASN B 109 14.71 -6.04 4.26
C ASN B 109 15.72 -5.04 3.74
N GLY B 110 15.47 -3.76 3.99
CA GLY B 110 16.42 -2.72 3.62
C GLY B 110 16.71 -1.83 4.81
N SER B 111 16.14 -0.63 4.82
CA SER B 111 16.23 0.25 5.97
C SER B 111 14.88 0.59 6.58
N GLN B 112 13.79 0.44 5.85
CA GLN B 112 12.50 0.84 6.41
C GLN B 112 12.07 -0.08 7.55
N PHE B 113 11.41 0.53 8.52
CA PHE B 113 11.04 -0.13 9.76
C PHE B 113 9.72 0.46 10.21
N PHE B 114 9.10 -0.18 11.20
CA PHE B 114 7.90 0.38 11.79
C PHE B 114 7.87 0.12 13.28
N ILE B 115 7.19 1.02 13.99
CA ILE B 115 6.97 0.93 15.42
C ILE B 115 5.48 0.69 15.62
N CYS B 116 5.15 -0.44 16.26
CA CYS B 116 3.75 -0.77 16.52
C CYS B 116 3.18 0.11 17.61
N THR B 117 1.91 0.48 17.46
CA THR B 117 1.17 1.15 18.53
C THR B 117 0.03 0.28 19.03
N ALA B 118 0.01 -0.99 18.63
CA ALA B 118 -0.97 -1.98 19.05
C ALA B 118 -0.37 -3.35 18.75
N LYS B 119 -1.04 -4.39 19.22
CA LYS B 119 -0.68 -5.74 18.83
C LYS B 119 -1.10 -5.98 17.39
N THR B 120 -0.17 -6.47 16.56
CA THR B 120 -0.40 -6.64 15.12
C THR B 120 -0.01 -8.08 14.74
N GLU B 121 -0.76 -9.05 15.25
CA GLU B 121 -0.36 -10.44 15.10
C GLU B 121 -0.39 -10.91 13.64
N TRP B 122 -1.19 -10.26 12.79
CA TRP B 122 -1.24 -10.68 11.39
C TRP B 122 0.08 -10.47 10.66
N LEU B 123 1.02 -9.74 11.23
CA LEU B 123 2.33 -9.54 10.65
C LEU B 123 3.36 -10.57 11.11
N ASP B 124 3.01 -11.41 12.08
CA ASP B 124 3.95 -12.41 12.57
C ASP B 124 4.34 -13.36 11.45
N GLY B 125 5.63 -13.68 11.37
CA GLY B 125 6.14 -14.56 10.35
C GLY B 125 6.31 -13.93 8.99
N LYS B 126 5.94 -12.67 8.84
CA LYS B 126 6.11 -11.93 7.61
C LYS B 126 7.07 -10.75 7.75
N HIS B 127 7.17 -10.16 8.93
CA HIS B 127 8.06 -9.05 9.22
C HIS B 127 8.94 -9.45 10.40
N VAL B 128 10.23 -9.17 10.28
CA VAL B 128 11.20 -9.56 11.30
C VAL B 128 11.17 -8.54 12.44
N VAL B 129 10.76 -8.98 13.62
CA VAL B 129 10.82 -8.17 14.83
C VAL B 129 12.25 -8.21 15.36
N PHE B 130 12.79 -7.04 15.72
CA PHE B 130 14.17 -6.97 16.17
C PHE B 130 14.41 -6.00 17.33
N GLY B 131 13.38 -5.36 17.87
CA GLY B 131 13.61 -4.45 18.98
C GLY B 131 12.31 -4.01 19.62
N LYS B 132 12.43 -3.15 20.62
CA LYS B 132 11.26 -2.59 21.27
C LYS B 132 11.60 -1.21 21.83
N VAL B 133 10.60 -0.33 21.86
CA VAL B 133 10.75 0.96 22.51
C VAL B 133 11.06 0.75 23.99
N LYS B 134 12.12 1.40 24.46
CA LYS B 134 12.56 1.32 25.84
C LYS B 134 12.15 2.55 26.66
N GLU B 135 12.23 3.72 26.05
CA GLU B 135 11.80 4.97 26.63
C GLU B 135 11.20 5.84 25.54
N GLY B 136 10.23 6.67 25.91
CA GLY B 136 9.63 7.57 24.96
C GLY B 136 8.43 7.04 24.23
N MET B 137 7.74 6.02 24.76
CA MET B 137 6.55 5.55 24.08
C MET B 137 5.49 6.65 24.00
N ASN B 138 5.50 7.59 24.95
CA ASN B 138 4.57 8.71 24.90
C ASN B 138 4.87 9.60 23.70
N ILE B 139 6.12 9.64 23.25
CA ILE B 139 6.44 10.40 22.04
C ILE B 139 5.88 9.70 20.81
N VAL B 140 6.00 8.37 20.75
CA VAL B 140 5.39 7.62 19.66
C VAL B 140 3.88 7.85 19.65
N GLU B 141 3.27 7.89 20.83
CA GLU B 141 1.83 8.14 20.90
C GLU B 141 1.51 9.57 20.43
N ALA B 142 2.40 10.52 20.72
CA ALA B 142 2.18 11.88 20.23
C ALA B 142 2.29 11.96 18.72
N MET B 143 3.14 11.12 18.12
CA MET B 143 3.30 11.11 16.67
C MET B 143 2.01 10.70 15.96
N GLU B 144 1.14 9.92 16.61
CA GLU B 144 -0.04 9.40 15.94
C GLU B 144 -1.03 10.51 15.58
N ARG B 145 -1.02 11.62 16.33
CA ARG B 145 -1.90 12.73 16.03
C ARG B 145 -1.69 13.25 14.61
N PHE B 146 -0.50 13.05 14.06
CA PHE B 146 -0.16 13.56 12.74
C PHE B 146 -0.41 12.55 11.64
N GLY B 147 -0.95 11.38 11.96
CA GLY B 147 -1.28 10.38 10.97
C GLY B 147 -2.74 10.42 10.57
N SER B 148 -3.15 9.38 9.84
CA SER B 148 -4.49 9.29 9.29
C SER B 148 -4.75 7.84 8.89
N ARG B 149 -5.99 7.56 8.48
CA ARG B 149 -6.35 6.16 8.23
C ARG B 149 -5.52 5.54 7.12
N ASN B 150 -5.14 6.30 6.10
CA ASN B 150 -4.30 5.76 5.04
C ASN B 150 -2.82 6.04 5.26
N GLY B 151 -2.45 6.60 6.41
CA GLY B 151 -1.07 6.79 6.78
C GLY B 151 -0.45 8.10 6.37
N LYS B 152 -1.09 8.88 5.49
CA LYS B 152 -0.56 10.18 5.12
C LYS B 152 -0.45 11.07 6.36
N THR B 153 0.66 11.81 6.45
CA THR B 153 0.92 12.66 7.61
C THR B 153 0.60 14.12 7.29
N SER B 154 0.15 14.84 8.31
CA SER B 154 -0.28 16.23 8.16
C SER B 154 0.84 17.23 8.46
N LYS B 155 1.93 16.77 9.09
CA LYS B 155 3.15 17.55 9.27
C LYS B 155 4.34 16.63 9.01
N LYS B 156 5.51 17.24 8.83
CA LYS B 156 6.73 16.49 8.55
C LYS B 156 7.28 15.96 9.88
N ILE B 157 7.20 14.65 10.07
CA ILE B 157 7.67 14.00 11.30
C ILE B 157 9.03 13.39 10.99
N THR B 158 10.10 13.93 11.58
CA THR B 158 11.45 13.56 11.17
C THR B 158 12.28 13.04 12.32
N ILE B 159 13.29 12.26 11.96
CA ILE B 159 14.36 11.87 12.86
C ILE B 159 15.40 12.98 12.78
N ALA B 160 15.24 13.99 13.65
CA ALA B 160 16.16 15.13 13.62
C ALA B 160 17.57 14.73 14.00
N ASP B 161 17.71 13.78 14.92
CA ASP B 161 19.00 13.25 15.32
C ASP B 161 18.80 11.81 15.75
N CYS B 162 19.88 11.03 15.69
CA CYS B 162 19.84 9.64 16.10
C CYS B 162 21.25 9.16 16.37
N GLY B 163 21.36 8.12 17.17
CA GLY B 163 22.65 7.58 17.53
C GLY B 163 22.50 6.42 18.49
N GLN B 164 23.62 6.02 19.07
CA GLN B 164 23.67 4.86 19.95
C GLN B 164 24.01 5.33 21.36
N LEU B 165 23.23 4.87 22.35
CA LEU B 165 23.49 5.20 23.75
C LEU B 165 24.42 4.19 24.40
N GLU B 166 24.25 2.91 24.11
CA GLU B 166 25.14 1.88 24.63
C GLU B 166 25.07 0.62 23.78
#